data_1N5N
#
_entry.id   1N5N
#
_cell.length_a   68.612
_cell.length_b   73.562
_cell.length_c   75.995
_cell.angle_alpha   90.00
_cell.angle_beta   90.00
_cell.angle_gamma   90.00
#
_symmetry.space_group_name_H-M   'P 21 21 21'
#
loop_
_entity.id
_entity.type
_entity.pdbx_description
1 polymer 'Peptide deformylase'
2 non-polymer 'ZINC ION'
3 non-polymer GLYCEROL
4 water water
#
_entity_poly.entity_id   1
_entity_poly.type   'polypeptide(L)'
_entity_poly.pdbx_seq_one_letter_code
;MGSDKIHHHHHHMAILNILEFPDPRLRTIAKPVEVVDDAVRQLIDDMFETMYEAPGIGLAATQVNVHKRIVVMDLSEDKS
EPRVFINPEFEPLTEEMDQYQEGCLSVPGFYENVDRPQKVRIKALDRDGNPFEEVAEGLLAVCIQHECDHLNGKLFVDYL
STLKRDRIRKKLEKQHRQQA
;
_entity_poly.pdbx_strand_id   A,B
#
# COMPACT_ATOMS: atom_id res chain seq x y z
N MET A 13 -1.04 -8.33 10.59
CA MET A 13 -1.69 -8.17 9.20
C MET A 13 -2.13 -9.44 8.44
N ALA A 14 -3.42 -9.66 8.39
CA ALA A 14 -3.97 -10.88 7.76
C ALA A 14 -4.68 -10.68 6.44
N ILE A 15 -4.46 -11.62 5.55
CA ILE A 15 -5.20 -11.58 4.34
C ILE A 15 -6.43 -12.45 4.71
N LEU A 16 -7.65 -11.88 4.67
CA LEU A 16 -8.87 -12.61 5.04
C LEU A 16 -9.45 -13.35 3.84
N ASN A 17 -10.24 -14.39 4.10
CA ASN A 17 -10.82 -15.08 2.91
C ASN A 17 -11.99 -14.26 2.43
N ILE A 18 -12.15 -14.10 1.11
CA ILE A 18 -13.30 -13.32 0.65
C ILE A 18 -14.36 -14.32 0.23
N LEU A 19 -15.56 -14.18 0.82
CA LEU A 19 -16.65 -15.03 0.42
C LEU A 19 -16.96 -14.82 -1.02
N GLU A 20 -17.52 -15.88 -1.66
CA GLU A 20 -17.91 -15.70 -3.07
C GLU A 20 -19.35 -16.14 -3.32
N PHE A 21 -19.98 -15.39 -4.18
CA PHE A 21 -21.37 -15.70 -4.61
C PHE A 21 -21.22 -17.24 -5.05
N PRO A 22 -22.20 -18.12 -4.66
CA PRO A 22 -23.42 -17.83 -3.91
C PRO A 22 -23.47 -18.18 -2.45
N ASP A 23 -22.39 -17.97 -1.79
CA ASP A 23 -22.27 -18.24 -0.36
C ASP A 23 -23.44 -17.41 0.31
N PRO A 24 -24.32 -18.11 1.01
CA PRO A 24 -25.43 -17.32 1.61
C PRO A 24 -24.97 -16.35 2.63
N ARG A 25 -23.74 -16.51 3.13
CA ARG A 25 -23.39 -15.53 4.14
C ARG A 25 -23.24 -14.08 3.54
N LEU A 26 -23.15 -13.98 2.21
CA LEU A 26 -23.04 -12.67 1.58
C LEU A 26 -24.40 -12.01 1.65
N ARG A 27 -25.48 -12.79 2.06
CA ARG A 27 -26.77 -12.12 2.12
C ARG A 27 -27.07 -11.58 3.53
N THR A 28 -26.16 -11.73 4.46
CA THR A 28 -26.47 -11.25 5.74
C THR A 28 -26.43 -9.76 5.83
N ILE A 29 -27.32 -9.21 6.65
CA ILE A 29 -27.34 -7.73 6.80
C ILE A 29 -26.37 -7.39 7.85
N ALA A 30 -25.46 -6.50 7.56
CA ALA A 30 -24.42 -6.18 8.54
C ALA A 30 -24.98 -5.30 9.70
N LYS A 31 -24.45 -5.50 10.88
CA LYS A 31 -24.88 -4.67 12.02
C LYS A 31 -23.97 -3.45 12.15
N PRO A 32 -24.57 -2.36 12.59
CA PRO A 32 -23.79 -1.11 12.76
C PRO A 32 -22.69 -1.30 13.77
N VAL A 33 -21.59 -0.57 13.58
CA VAL A 33 -20.47 -0.51 14.49
C VAL A 33 -20.90 0.52 15.55
N GLU A 34 -20.88 0.11 16.84
CA GLU A 34 -21.30 1.03 17.89
C GLU A 34 -20.14 1.80 18.47
N VAL A 35 -18.92 1.30 18.34
CA VAL A 35 -17.75 2.11 18.76
C VAL A 35 -16.58 1.76 17.84
N VAL A 36 -15.92 2.76 17.43
CA VAL A 36 -14.76 2.50 16.59
C VAL A 36 -13.54 2.41 17.50
N ASP A 37 -13.20 1.21 17.83
CA ASP A 37 -12.05 0.96 18.68
C ASP A 37 -10.89 0.35 17.92
N ASP A 38 -9.83 0.02 18.69
CA ASP A 38 -8.72 -0.52 18.01
C ASP A 38 -9.00 -1.90 17.35
N ALA A 39 -9.90 -2.73 17.86
CA ALA A 39 -10.28 -3.97 17.28
C ALA A 39 -10.87 -3.62 15.81
N VAL A 40 -11.71 -2.59 15.76
CA VAL A 40 -12.32 -2.20 14.43
C VAL A 40 -11.19 -1.72 13.50
N ARG A 41 -10.32 -0.85 13.99
CA ARG A 41 -9.21 -0.41 13.14
C ARG A 41 -8.32 -1.59 12.73
N GLN A 42 -8.06 -2.55 13.63
CA GLN A 42 -7.27 -3.69 13.14
C GLN A 42 -8.03 -4.45 11.98
N LEU A 43 -9.32 -4.63 12.13
CA LEU A 43 -10.10 -5.31 11.08
C LEU A 43 -9.97 -4.47 9.81
N ILE A 44 -10.12 -3.15 9.92
CA ILE A 44 -9.95 -2.33 8.73
C ILE A 44 -8.58 -2.52 8.04
N ASP A 45 -7.53 -2.57 8.83
CA ASP A 45 -6.22 -2.79 8.24
C ASP A 45 -6.17 -4.18 7.58
N ASP A 46 -6.77 -5.17 8.18
CA ASP A 46 -6.76 -6.49 7.49
C ASP A 46 -7.63 -6.48 6.20
N MET A 47 -8.73 -5.73 6.25
CA MET A 47 -9.60 -5.60 5.08
C MET A 47 -8.88 -4.82 3.99
N PHE A 48 -8.08 -3.81 4.42
CA PHE A 48 -7.33 -3.12 3.34
C PHE A 48 -6.23 -4.06 2.74
N GLU A 49 -5.60 -4.85 3.55
CA GLU A 49 -4.50 -5.70 3.00
C GLU A 49 -5.15 -6.76 2.11
N THR A 50 -6.32 -7.25 2.52
CA THR A 50 -7.04 -8.23 1.71
C THR A 50 -7.45 -7.65 0.40
N MET A 51 -8.00 -6.42 0.44
CA MET A 51 -8.44 -5.74 -0.80
C MET A 51 -7.23 -5.41 -1.70
N TYR A 52 -6.13 -4.93 -1.07
CA TYR A 52 -4.97 -4.60 -1.95
C TYR A 52 -4.39 -5.86 -2.55
N GLU A 53 -4.48 -6.96 -1.85
CA GLU A 53 -3.82 -8.18 -2.39
C GLU A 53 -4.67 -8.90 -3.45
N ALA A 54 -5.95 -8.64 -3.45
CA ALA A 54 -6.94 -9.32 -4.32
C ALA A 54 -6.50 -9.26 -5.81
N PRO A 55 -6.35 -8.05 -6.44
CA PRO A 55 -6.56 -6.70 -5.84
C PRO A 55 -8.00 -6.20 -6.22
N GLY A 56 -8.51 -5.20 -5.49
CA GLY A 56 -9.83 -4.67 -5.75
C GLY A 56 -9.75 -3.22 -5.23
N ILE A 57 -10.74 -2.38 -5.57
CA ILE A 57 -10.75 -1.04 -5.08
C ILE A 57 -11.76 -0.83 -3.94
N GLY A 58 -12.53 -1.90 -3.60
CA GLY A 58 -13.48 -1.64 -2.52
C GLY A 58 -13.72 -2.99 -1.85
N LEU A 59 -14.01 -2.96 -0.56
CA LEU A 59 -14.25 -4.27 0.06
C LEU A 59 -15.21 -3.95 1.31
N ALA A 60 -16.31 -4.68 1.42
CA ALA A 60 -17.22 -4.49 2.62
C ALA A 60 -16.96 -5.65 3.60
N ALA A 61 -17.16 -5.38 4.89
CA ALA A 61 -16.80 -6.42 5.82
C ALA A 61 -17.61 -7.67 5.65
N THR A 62 -18.79 -7.50 5.13
CA THR A 62 -19.67 -8.69 4.88
C THR A 62 -18.91 -9.71 4.01
N GLN A 63 -18.15 -9.19 3.05
CA GLN A 63 -17.43 -10.10 2.20
C GLN A 63 -16.37 -10.89 2.83
N VAL A 64 -15.85 -10.53 4.02
CA VAL A 64 -14.81 -11.30 4.66
C VAL A 64 -15.50 -12.00 5.80
N ASN A 65 -16.85 -12.09 5.70
CA ASN A 65 -17.69 -12.77 6.73
C ASN A 65 -17.67 -12.09 8.08
N VAL A 66 -17.57 -10.77 8.06
CA VAL A 66 -17.61 -10.02 9.35
C VAL A 66 -18.80 -9.15 9.11
N HIS A 67 -19.88 -9.40 9.85
CA HIS A 67 -21.08 -8.73 9.51
C HIS A 67 -21.29 -7.48 10.22
N LYS A 68 -20.41 -6.51 9.90
CA LYS A 68 -20.43 -5.22 10.62
C LYS A 68 -20.38 -4.20 9.46
N ARG A 69 -20.85 -3.01 9.77
CA ARG A 69 -21.00 -2.06 8.62
C ARG A 69 -19.74 -1.29 8.48
N ILE A 70 -18.83 -1.94 7.72
CA ILE A 70 -17.55 -1.24 7.49
C ILE A 70 -17.18 -1.41 6.03
N VAL A 71 -16.80 -0.33 5.33
CA VAL A 71 -16.38 -0.48 3.96
C VAL A 71 -14.93 0.17 3.86
N VAL A 72 -14.00 -0.48 3.20
CA VAL A 72 -12.73 0.18 2.88
C VAL A 72 -12.66 0.33 1.27
N MET A 73 -11.90 1.33 0.83
CA MET A 73 -11.75 1.51 -0.57
C MET A 73 -10.39 2.21 -0.85
N ASP A 74 -9.97 2.04 -2.06
CA ASP A 74 -8.83 2.86 -2.48
C ASP A 74 -8.90 2.81 -4.04
N LEU A 75 -9.32 3.96 -4.52
CA LEU A 75 -9.60 4.05 -5.92
C LEU A 75 -8.38 4.35 -6.72
N SER A 76 -7.25 4.56 -6.08
CA SER A 76 -6.08 5.01 -6.88
C SER A 76 -5.39 3.84 -7.50
N GLU A 77 -4.52 4.17 -8.46
CA GLU A 77 -3.73 3.13 -9.13
C GLU A 77 -2.52 2.70 -8.34
N ASP A 78 -2.10 3.55 -7.44
CA ASP A 78 -0.90 3.25 -6.66
C ASP A 78 -1.11 2.93 -5.20
N LYS A 79 -2.38 2.74 -4.79
CA LYS A 79 -2.61 2.32 -3.41
C LYS A 79 -2.23 3.42 -2.48
N SER A 80 -2.50 4.68 -2.91
CA SER A 80 -2.11 5.83 -2.12
C SER A 80 -3.23 6.62 -1.52
N GLU A 81 -4.49 6.17 -1.71
CA GLU A 81 -5.61 7.01 -1.20
C GLU A 81 -6.68 6.06 -0.46
N PRO A 82 -6.28 5.52 0.72
CA PRO A 82 -7.24 4.62 1.35
C PRO A 82 -8.38 5.48 1.93
N ARG A 83 -9.57 4.91 1.97
CA ARG A 83 -10.71 5.58 2.44
C ARG A 83 -11.43 4.52 3.33
N VAL A 84 -11.98 5.04 4.37
CA VAL A 84 -12.70 4.19 5.30
C VAL A 84 -14.10 4.78 5.44
N PHE A 85 -15.12 3.91 5.44
CA PHE A 85 -16.47 4.42 5.71
C PHE A 85 -17.07 3.41 6.69
N ILE A 86 -17.43 3.89 7.89
CA ILE A 86 -18.03 2.95 8.88
C ILE A 86 -19.47 3.50 9.01
N ASN A 87 -20.37 2.55 9.14
CA ASN A 87 -21.85 2.76 9.17
C ASN A 87 -22.20 3.71 8.02
N PRO A 88 -21.72 3.37 6.80
CA PRO A 88 -22.03 4.27 5.70
C PRO A 88 -23.50 4.21 5.27
N GLU A 89 -23.90 5.32 4.68
CA GLU A 89 -25.22 5.46 4.13
C GLU A 89 -25.03 6.43 2.96
N PHE A 90 -25.90 6.29 1.97
CA PHE A 90 -25.81 7.31 0.90
C PHE A 90 -27.23 7.67 0.54
N GLU A 91 -27.32 8.83 -0.08
CA GLU A 91 -28.66 9.29 -0.54
C GLU A 91 -28.38 9.85 -1.92
N PRO A 92 -29.13 9.43 -2.95
CA PRO A 92 -28.90 9.93 -4.29
C PRO A 92 -29.14 11.43 -4.36
N LEU A 93 -28.32 12.06 -5.13
CA LEU A 93 -28.49 13.53 -5.23
C LEU A 93 -29.08 13.86 -6.62
N THR A 94 -29.39 12.85 -7.38
CA THR A 94 -29.98 13.06 -8.71
C THR A 94 -30.68 11.81 -9.06
N GLU A 95 -31.64 11.91 -9.98
CA GLU A 95 -32.29 10.70 -10.51
C GLU A 95 -31.50 10.32 -11.80
N GLU A 96 -30.57 11.13 -12.25
CA GLU A 96 -29.83 10.75 -13.43
C GLU A 96 -29.05 9.49 -13.07
N MET A 97 -28.99 8.56 -13.98
CA MET A 97 -28.24 7.31 -13.73
C MET A 97 -27.03 7.20 -14.67
N ASP A 98 -25.97 6.52 -14.29
CA ASP A 98 -24.75 6.32 -15.17
C ASP A 98 -24.70 4.77 -15.16
N GLN A 99 -24.12 4.23 -16.17
CA GLN A 99 -24.06 2.81 -16.31
C GLN A 99 -22.56 2.53 -16.14
N TYR A 100 -22.16 1.53 -15.36
CA TYR A 100 -20.73 1.28 -15.22
C TYR A 100 -20.65 -0.26 -15.25
N GLN A 101 -19.57 -0.76 -15.81
CA GLN A 101 -19.47 -2.18 -15.88
C GLN A 101 -18.84 -2.61 -14.56
N GLU A 102 -19.62 -3.14 -13.63
CA GLU A 102 -19.02 -3.45 -12.36
C GLU A 102 -18.51 -4.82 -12.23
N GLY A 103 -17.51 -4.94 -11.38
CA GLY A 103 -17.14 -6.27 -10.97
C GLY A 103 -17.23 -6.30 -9.44
N CYS A 104 -16.77 -7.39 -8.83
CA CYS A 104 -16.93 -7.57 -7.44
C CYS A 104 -15.94 -8.63 -7.00
N LEU A 105 -15.27 -8.41 -5.88
CA LEU A 105 -14.35 -9.45 -5.42
C LEU A 105 -15.11 -10.73 -5.03
N SER A 106 -16.39 -10.62 -4.69
CA SER A 106 -17.12 -11.88 -4.37
C SER A 106 -17.85 -12.45 -5.61
N VAL A 107 -17.59 -11.98 -6.89
CA VAL A 107 -18.19 -12.51 -8.09
C VAL A 107 -17.01 -12.39 -9.04
N PRO A 108 -15.96 -13.10 -8.65
CA PRO A 108 -14.71 -12.96 -9.45
C PRO A 108 -14.81 -13.30 -10.84
N GLY A 109 -14.22 -12.48 -11.68
CA GLY A 109 -14.25 -12.75 -13.10
C GLY A 109 -15.38 -12.24 -13.94
N PHE A 110 -16.38 -11.60 -13.33
CA PHE A 110 -17.55 -11.21 -14.06
C PHE A 110 -17.67 -9.73 -14.00
N TYR A 111 -18.08 -9.13 -15.04
CA TYR A 111 -18.18 -7.68 -15.05
C TYR A 111 -19.37 -7.39 -15.87
N GLU A 112 -20.35 -6.66 -15.32
CA GLU A 112 -21.59 -6.46 -16.07
C GLU A 112 -22.09 -5.10 -15.74
N ASN A 113 -22.82 -4.56 -16.69
CA ASN A 113 -23.32 -3.23 -16.53
C ASN A 113 -24.39 -3.17 -15.47
N VAL A 114 -24.35 -2.08 -14.67
CA VAL A 114 -25.34 -1.84 -13.61
C VAL A 114 -25.54 -0.35 -13.75
N ASP A 115 -26.81 0.08 -13.70
CA ASP A 115 -27.09 1.52 -13.70
C ASP A 115 -27.33 1.94 -12.25
N ARG A 116 -26.78 3.07 -11.85
CA ARG A 116 -26.97 3.58 -10.52
C ARG A 116 -26.98 5.11 -10.63
N PRO A 117 -27.57 5.77 -9.59
CA PRO A 117 -27.63 7.25 -9.54
C PRO A 117 -26.19 7.72 -9.76
N GLN A 118 -26.07 8.83 -10.52
CA GLN A 118 -24.73 9.33 -10.83
C GLN A 118 -23.99 10.09 -9.72
N LYS A 119 -24.73 10.61 -8.75
CA LYS A 119 -24.08 11.39 -7.79
C LYS A 119 -24.83 11.04 -6.44
N VAL A 120 -24.11 10.92 -5.32
CA VAL A 120 -24.84 10.64 -4.08
C VAL A 120 -24.12 11.31 -2.97
N ARG A 121 -24.87 11.52 -1.91
CA ARG A 121 -24.17 12.05 -0.76
C ARG A 121 -23.95 10.94 0.22
N ILE A 122 -22.70 10.73 0.57
CA ILE A 122 -22.40 9.65 1.58
C ILE A 122 -22.38 10.28 2.97
N LYS A 123 -22.87 9.55 3.96
CA LYS A 123 -22.58 9.94 5.37
C LYS A 123 -21.99 8.71 6.00
N ALA A 124 -20.98 8.89 6.85
CA ALA A 124 -20.40 7.70 7.48
C ALA A 124 -19.59 8.18 8.66
N LEU A 125 -19.04 7.23 9.42
CA LEU A 125 -18.02 7.63 10.41
C LEU A 125 -16.66 7.32 9.79
N ASP A 126 -15.66 8.13 10.14
CA ASP A 126 -14.32 7.91 9.62
C ASP A 126 -13.58 6.95 10.61
N ARG A 127 -12.28 6.79 10.42
CA ARG A 127 -11.46 5.73 11.13
C ARG A 127 -11.31 6.04 12.57
N ASP A 128 -11.72 7.26 12.91
CA ASP A 128 -11.67 7.61 14.29
C ASP A 128 -13.08 7.58 14.94
N GLY A 129 -14.13 7.25 14.18
CA GLY A 129 -15.50 7.26 14.66
C GLY A 129 -16.14 8.61 14.51
N ASN A 130 -15.53 9.57 13.83
CA ASN A 130 -16.19 10.90 13.72
C ASN A 130 -17.06 10.92 12.46
N PRO A 131 -18.26 11.53 12.55
CA PRO A 131 -19.14 11.54 11.41
C PRO A 131 -18.78 12.51 10.33
N PHE A 132 -18.87 12.13 9.06
CA PHE A 132 -18.59 13.16 8.04
C PHE A 132 -19.49 12.83 6.90
N GLU A 133 -19.59 13.73 5.93
CA GLU A 133 -20.34 13.45 4.73
C GLU A 133 -19.43 13.69 3.54
N GLU A 134 -19.87 13.26 2.36
CA GLU A 134 -19.04 13.53 1.21
C GLU A 134 -19.85 13.35 -0.01
N VAL A 135 -19.78 14.28 -0.96
CA VAL A 135 -20.55 14.12 -2.15
C VAL A 135 -19.71 13.25 -3.03
N ALA A 136 -20.35 12.27 -3.66
CA ALA A 136 -19.59 11.42 -4.58
C ALA A 136 -20.18 11.35 -5.98
N GLU A 137 -19.30 11.39 -6.97
CA GLU A 137 -19.65 11.15 -8.36
C GLU A 137 -18.57 10.15 -8.88
N GLY A 138 -18.71 9.86 -10.15
CA GLY A 138 -17.71 9.01 -10.81
C GLY A 138 -17.62 7.66 -10.13
N LEU A 139 -16.40 7.18 -10.13
CA LEU A 139 -16.16 5.87 -9.57
C LEU A 139 -16.43 5.79 -8.05
N LEU A 140 -16.22 6.87 -7.32
CA LEU A 140 -16.52 6.83 -5.87
C LEU A 140 -18.02 6.61 -5.67
N ALA A 141 -18.86 7.32 -6.45
CA ALA A 141 -20.37 7.12 -6.33
C ALA A 141 -20.68 5.66 -6.67
N VAL A 142 -20.06 5.06 -7.74
CA VAL A 142 -20.37 3.63 -8.01
C VAL A 142 -19.97 2.73 -6.85
N CYS A 143 -18.73 3.02 -6.36
CA CYS A 143 -18.14 2.10 -5.36
C CYS A 143 -18.91 2.18 -4.07
N ILE A 144 -19.17 3.42 -3.58
CA ILE A 144 -19.90 3.42 -2.30
C ILE A 144 -21.28 2.74 -2.38
N GLN A 145 -21.93 2.86 -3.51
CA GLN A 145 -23.24 2.23 -3.59
C GLN A 145 -23.05 0.71 -3.63
N HIS A 146 -22.13 0.27 -4.50
CA HIS A 146 -21.91 -1.14 -4.57
C HIS A 146 -21.58 -1.68 -3.14
N GLU A 147 -20.62 -1.04 -2.44
CA GLU A 147 -20.22 -1.56 -1.12
C GLU A 147 -21.30 -1.44 -0.07
N CYS A 148 -22.07 -0.36 -0.08
CA CYS A 148 -23.19 -0.27 0.91
C CYS A 148 -24.14 -1.43 0.57
N ASP A 149 -24.35 -1.69 -0.76
CA ASP A 149 -25.27 -2.85 -1.06
C ASP A 149 -24.80 -4.12 -0.39
N HIS A 150 -23.46 -4.33 -0.36
CA HIS A 150 -22.97 -5.51 0.34
C HIS A 150 -23.42 -5.60 1.76
N LEU A 151 -23.36 -4.46 2.46
CA LEU A 151 -23.80 -4.48 3.88
C LEU A 151 -25.27 -4.79 4.07
N ASN A 152 -25.99 -4.64 2.99
CA ASN A 152 -27.43 -4.96 3.08
C ASN A 152 -27.73 -6.28 2.47
N GLY A 153 -26.69 -7.04 2.26
CA GLY A 153 -26.81 -8.40 1.76
C GLY A 153 -27.16 -8.35 0.27
N LYS A 154 -26.89 -7.27 -0.47
CA LYS A 154 -27.17 -7.32 -1.90
C LYS A 154 -25.87 -7.34 -2.77
N LEU A 155 -26.01 -7.94 -3.92
CA LEU A 155 -24.83 -8.09 -4.85
C LEU A 155 -25.14 -7.55 -6.14
N PHE A 156 -24.11 -7.17 -6.90
CA PHE A 156 -24.54 -6.54 -8.12
C PHE A 156 -25.24 -7.43 -9.18
N VAL A 157 -25.07 -8.75 -9.00
CA VAL A 157 -25.72 -9.65 -9.99
C VAL A 157 -27.26 -9.57 -9.69
N ASP A 158 -27.68 -9.04 -8.49
CA ASP A 158 -29.11 -8.93 -8.29
C ASP A 158 -29.78 -7.94 -9.24
N TYR A 159 -29.05 -7.00 -9.82
CA TYR A 159 -29.57 -6.07 -10.76
C TYR A 159 -29.65 -6.60 -12.16
N LEU A 160 -29.03 -7.77 -12.36
CA LEU A 160 -28.93 -8.21 -13.76
C LEU A 160 -30.15 -9.07 -14.13
N SER A 161 -30.27 -9.38 -15.43
CA SER A 161 -31.44 -10.35 -15.70
C SER A 161 -31.33 -11.65 -14.90
N THR A 162 -32.43 -12.37 -14.65
CA THR A 162 -32.28 -13.51 -13.76
C THR A 162 -31.52 -14.57 -14.59
N LEU A 163 -31.59 -14.52 -15.93
CA LEU A 163 -30.90 -15.63 -16.60
C LEU A 163 -29.36 -15.41 -16.59
N LYS A 164 -28.91 -14.17 -16.66
CA LYS A 164 -27.47 -13.91 -16.50
C LYS A 164 -27.03 -14.23 -15.15
N ARG A 165 -27.76 -13.81 -14.09
CA ARG A 165 -27.33 -14.17 -12.77
C ARG A 165 -27.19 -15.68 -12.62
N ASP A 166 -28.17 -16.44 -13.18
CA ASP A 166 -28.13 -17.89 -12.95
C ASP A 166 -26.90 -18.52 -13.69
N ARG A 167 -26.62 -17.92 -14.80
CA ARG A 167 -25.51 -18.39 -15.63
C ARG A 167 -24.19 -18.11 -14.87
N ILE A 168 -24.11 -16.89 -14.33
CA ILE A 168 -22.94 -16.57 -13.44
C ILE A 168 -22.95 -17.44 -12.22
N ARG A 169 -24.09 -17.63 -11.56
CA ARG A 169 -24.06 -18.41 -10.40
C ARG A 169 -23.56 -19.83 -10.78
N LYS A 170 -24.11 -20.39 -11.84
CA LYS A 170 -23.69 -21.80 -12.17
C LYS A 170 -22.23 -21.87 -12.52
N LYS A 171 -21.74 -20.84 -13.18
CA LYS A 171 -20.26 -20.85 -13.51
C LYS A 171 -19.45 -20.86 -12.29
N LEU A 172 -19.84 -20.02 -11.30
CA LEU A 172 -19.02 -19.97 -10.07
C LEU A 172 -19.17 -21.22 -9.26
N GLU A 173 -20.38 -21.76 -9.27
CA GLU A 173 -20.56 -23.07 -8.43
C GLU A 173 -19.64 -24.16 -9.04
N LYS A 174 -19.57 -24.14 -10.32
CA LYS A 174 -18.75 -25.14 -11.06
C LYS A 174 -17.25 -24.92 -10.64
N GLN A 175 -16.82 -23.66 -10.72
CA GLN A 175 -15.45 -23.37 -10.30
C GLN A 175 -15.27 -23.75 -8.85
N HIS A 176 -16.24 -23.52 -7.98
CA HIS A 176 -15.94 -23.80 -6.59
C HIS A 176 -15.76 -25.36 -6.45
N ARG A 177 -16.55 -26.12 -7.20
CA ARG A 177 -16.48 -27.63 -7.22
C ARG A 177 -15.06 -28.06 -7.71
N GLN A 178 -14.58 -27.51 -8.79
CA GLN A 178 -13.23 -27.81 -9.29
C GLN A 178 -12.07 -27.33 -8.38
N GLN A 179 -12.34 -26.37 -7.49
CA GLN A 179 -11.31 -25.84 -6.62
C GLN A 179 -11.37 -26.58 -5.29
N ALA B 14 26.88 20.68 -2.19
CA ALA B 14 27.51 19.52 -1.55
C ALA B 14 26.39 18.91 -0.67
N ILE B 15 25.63 19.68 0.03
CA ILE B 15 24.51 19.06 0.85
C ILE B 15 23.30 19.04 -0.04
N LEU B 16 22.78 17.85 -0.39
CA LEU B 16 21.63 17.78 -1.31
C LEU B 16 20.37 17.74 -0.54
N ASN B 17 19.31 18.19 -1.23
CA ASN B 17 17.97 18.19 -0.55
C ASN B 17 17.44 16.72 -0.43
N ILE B 18 16.93 16.28 0.77
CA ILE B 18 16.41 14.91 0.78
C ILE B 18 14.86 14.95 0.63
N LEU B 19 14.37 14.14 -0.31
CA LEU B 19 12.87 14.07 -0.61
C LEU B 19 12.22 13.40 0.64
N GLU B 20 10.93 13.73 0.93
CA GLU B 20 10.31 13.18 2.09
C GLU B 20 8.98 12.67 1.61
N PHE B 21 8.68 11.49 2.10
CA PHE B 21 7.35 10.85 1.76
C PHE B 21 6.33 12.00 2.22
N PRO B 22 5.21 12.14 1.53
CA PRO B 22 4.77 11.34 0.36
C PRO B 22 5.17 11.89 -1.01
N ASP B 23 6.29 12.53 -1.12
CA ASP B 23 6.70 13.00 -2.47
C ASP B 23 6.71 11.94 -3.53
N PRO B 24 5.99 12.20 -4.60
CA PRO B 24 6.05 11.10 -5.53
C PRO B 24 7.32 10.77 -6.25
N ARG B 25 8.26 11.61 -6.14
CA ARG B 25 9.47 11.25 -6.98
C ARG B 25 10.23 10.11 -6.22
N LEU B 26 9.86 9.92 -4.95
CA LEU B 26 10.48 8.74 -4.22
C LEU B 26 10.04 7.37 -4.83
N ARG B 27 8.98 7.37 -5.68
CA ARG B 27 8.45 6.17 -6.23
C ARG B 27 9.12 5.92 -7.56
N THR B 28 10.08 6.75 -7.92
CA THR B 28 10.76 6.44 -9.24
C THR B 28 11.71 5.31 -9.19
N ILE B 29 11.71 4.50 -10.21
CA ILE B 29 12.67 3.39 -10.29
C ILE B 29 13.98 3.91 -10.82
N ALA B 30 15.05 3.64 -10.11
CA ALA B 30 16.35 4.19 -10.46
C ALA B 30 16.94 3.35 -11.66
N LYS B 31 17.70 4.08 -12.44
CA LYS B 31 18.39 3.54 -13.63
C LYS B 31 19.83 3.13 -13.22
N PRO B 32 20.29 2.01 -13.77
CA PRO B 32 21.64 1.48 -13.53
C PRO B 32 22.65 2.50 -13.93
N VAL B 33 23.75 2.49 -13.22
CA VAL B 33 24.90 3.31 -13.49
C VAL B 33 25.73 2.48 -14.52
N GLU B 34 26.21 3.12 -15.61
CA GLU B 34 26.98 2.42 -16.68
C GLU B 34 28.46 2.54 -16.47
N VAL B 35 28.90 3.66 -15.96
CA VAL B 35 30.32 3.76 -15.64
C VAL B 35 30.45 4.63 -14.43
N VAL B 36 31.35 4.27 -13.53
CA VAL B 36 31.56 5.05 -12.35
C VAL B 36 32.56 6.23 -12.77
N ASP B 37 32.08 7.26 -13.43
CA ASP B 37 32.99 8.28 -13.87
C ASP B 37 33.05 9.36 -12.86
N ASP B 38 33.67 10.48 -13.30
CA ASP B 38 33.80 11.58 -12.41
C ASP B 38 32.49 12.16 -11.86
N ALA B 39 31.47 12.35 -12.75
CA ALA B 39 30.16 12.91 -12.30
C ALA B 39 29.59 11.96 -11.12
N VAL B 40 29.70 10.65 -11.33
CA VAL B 40 29.28 9.68 -10.30
C VAL B 40 30.10 9.83 -9.02
N ARG B 41 31.40 9.90 -9.14
CA ARG B 41 32.18 10.00 -7.94
C ARG B 41 31.87 11.31 -7.17
N GLN B 42 31.58 12.37 -7.89
CA GLN B 42 31.26 13.61 -7.20
C GLN B 42 29.84 13.41 -6.49
N LEU B 43 28.86 12.83 -7.24
CA LEU B 43 27.59 12.58 -6.68
C LEU B 43 27.82 11.71 -5.33
N ILE B 44 28.62 10.65 -5.30
CA ILE B 44 28.82 9.84 -4.06
C ILE B 44 29.34 10.65 -2.93
N ASP B 45 30.33 11.52 -3.24
CA ASP B 45 30.87 12.33 -2.17
C ASP B 45 29.72 13.30 -1.63
N ASP B 46 28.87 13.85 -2.57
CA ASP B 46 27.84 14.80 -2.06
C ASP B 46 26.87 13.98 -1.19
N MET B 47 26.64 12.70 -1.59
CA MET B 47 25.65 11.87 -0.85
C MET B 47 26.15 11.58 0.45
N PHE B 48 27.46 11.38 0.55
CA PHE B 48 27.96 11.06 1.92
C PHE B 48 27.81 12.32 2.86
N GLU B 49 28.20 13.45 2.27
CA GLU B 49 28.11 14.65 3.10
C GLU B 49 26.66 14.87 3.53
N THR B 50 25.74 14.72 2.58
CA THR B 50 24.34 14.89 2.95
C THR B 50 23.92 13.93 4.04
N MET B 51 24.30 12.66 3.83
CA MET B 51 23.87 11.66 4.78
C MET B 51 24.46 11.97 6.15
N TYR B 52 25.72 12.33 6.17
CA TYR B 52 26.31 12.56 7.49
C TYR B 52 25.69 13.83 8.10
N GLU B 53 25.23 14.72 7.28
CA GLU B 53 24.85 15.92 7.99
C GLU B 53 23.37 15.80 8.49
N ALA B 54 22.59 14.91 7.89
CA ALA B 54 21.18 14.76 8.29
C ALA B 54 20.96 14.60 9.79
N PRO B 55 21.55 13.61 10.42
CA PRO B 55 22.41 12.54 9.95
C PRO B 55 21.68 11.25 9.80
N GLY B 56 22.21 10.36 8.97
CA GLY B 56 21.63 9.02 8.81
C GLY B 56 22.78 8.07 8.60
N ILE B 57 22.44 6.83 8.39
CA ILE B 57 23.42 5.78 8.19
C ILE B 57 23.36 5.20 6.76
N GLY B 58 22.33 5.57 6.03
CA GLY B 58 22.22 5.20 4.63
C GLY B 58 21.52 6.20 3.81
N LEU B 59 21.86 6.22 2.55
CA LEU B 59 21.12 7.15 1.64
C LEU B 59 21.15 6.58 0.17
N ALA B 60 20.02 6.53 -0.53
CA ALA B 60 20.00 6.02 -1.91
C ALA B 60 19.88 7.30 -2.76
N ALA B 61 20.42 7.23 -3.99
CA ALA B 61 20.44 8.44 -4.88
C ALA B 61 18.99 8.89 -5.11
N THR B 62 18.07 7.95 -5.13
CA THR B 62 16.61 8.28 -5.30
C THR B 62 16.12 9.38 -4.33
N GLN B 63 16.63 9.30 -3.11
CA GLN B 63 16.19 10.12 -1.99
C GLN B 63 16.62 11.61 -2.24
N VAL B 64 17.71 11.75 -3.03
CA VAL B 64 18.12 13.13 -3.30
C VAL B 64 17.74 13.52 -4.73
N ASN B 65 16.66 12.89 -5.19
CA ASN B 65 16.12 13.13 -6.49
C ASN B 65 17.01 12.84 -7.62
N VAL B 66 17.95 11.87 -7.44
CA VAL B 66 18.81 11.47 -8.57
C VAL B 66 18.51 10.02 -8.79
N HIS B 67 17.91 9.76 -9.92
CA HIS B 67 17.40 8.46 -10.06
C HIS B 67 18.34 7.55 -10.74
N LYS B 68 19.40 7.21 -9.98
CA LYS B 68 20.45 6.28 -10.42
C LYS B 68 20.69 5.24 -9.28
N ARG B 69 21.10 4.02 -9.61
CA ARG B 69 21.30 3.00 -8.64
C ARG B 69 22.57 3.12 -7.93
N ILE B 70 22.52 4.04 -6.96
CA ILE B 70 23.68 4.29 -6.14
C ILE B 70 23.25 4.38 -4.63
N VAL B 71 23.96 3.69 -3.76
CA VAL B 71 23.62 3.77 -2.33
C VAL B 71 24.88 4.07 -1.54
N VAL B 72 24.80 4.96 -0.56
CA VAL B 72 25.99 5.10 0.28
C VAL B 72 25.55 4.76 1.70
N MET B 73 26.48 4.30 2.54
CA MET B 73 26.13 4.00 3.87
C MET B 73 27.33 4.18 4.79
N ASP B 74 27.10 4.38 6.08
CA ASP B 74 28.21 4.36 6.94
C ASP B 74 27.48 3.96 8.30
N LEU B 75 27.66 2.70 8.67
CA LEU B 75 27.05 2.20 9.83
C LEU B 75 27.81 2.49 11.11
N SER B 76 28.98 3.18 11.02
CA SER B 76 29.79 3.46 12.22
C SER B 76 29.14 4.63 12.98
N GLU B 77 29.61 4.83 14.18
CA GLU B 77 29.17 5.94 14.98
C GLU B 77 30.03 7.19 14.74
N ASP B 78 31.08 7.08 13.92
CA ASP B 78 31.98 8.18 13.82
C ASP B 78 32.49 8.45 12.43
N LYS B 79 31.73 8.06 11.41
CA LYS B 79 32.11 8.44 10.06
C LYS B 79 33.35 7.75 9.55
N SER B 80 33.58 6.56 10.08
CA SER B 80 34.80 5.82 9.73
C SER B 80 34.59 4.62 8.84
N GLU B 81 33.32 4.32 8.48
CA GLU B 81 33.14 3.09 7.63
C GLU B 81 32.25 3.36 6.41
N PRO B 82 32.66 4.31 5.57
CA PRO B 82 31.81 4.57 4.40
C PRO B 82 31.82 3.39 3.51
N ARG B 83 30.67 3.16 2.87
CA ARG B 83 30.55 2.06 1.90
C ARG B 83 29.75 2.60 0.80
N VAL B 84 30.08 2.11 -0.39
CA VAL B 84 29.37 2.52 -1.61
C VAL B 84 28.83 1.26 -2.26
N PHE B 85 27.54 1.33 -2.68
CA PHE B 85 27.05 0.12 -3.41
C PHE B 85 26.48 0.72 -4.73
N ILE B 86 27.05 0.32 -5.86
CA ILE B 86 26.49 0.83 -7.16
C ILE B 86 25.80 -0.33 -7.84
N ASN B 87 24.63 -0.08 -8.46
CA ASN B 87 23.82 -1.18 -9.05
C ASN B 87 23.69 -2.36 -8.12
N PRO B 88 23.26 -2.07 -6.86
CA PRO B 88 23.15 -3.22 -5.95
C PRO B 88 21.96 -4.07 -6.16
N GLU B 89 22.12 -5.30 -5.70
CA GLU B 89 21.01 -6.30 -5.73
C GLU B 89 21.32 -7.23 -4.50
N PHE B 90 20.28 -7.83 -3.95
CA PHE B 90 20.51 -8.74 -2.81
C PHE B 90 19.59 -9.90 -2.97
N GLU B 91 20.02 -10.99 -2.36
CA GLU B 91 19.14 -12.17 -2.34
C GLU B 91 19.16 -12.64 -0.92
N PRO B 92 17.99 -12.92 -0.38
CA PRO B 92 18.03 -13.39 0.99
C PRO B 92 18.71 -14.77 1.13
N LEU B 93 19.32 -15.00 2.25
CA LEU B 93 20.02 -16.32 2.49
C LEU B 93 19.38 -17.09 3.58
N THR B 94 18.24 -16.59 4.10
CA THR B 94 17.59 -17.24 5.23
C THR B 94 16.15 -16.73 5.24
N GLU B 95 15.23 -17.48 5.83
CA GLU B 95 13.87 -16.99 5.92
C GLU B 95 13.82 -16.52 7.40
N GLU B 96 14.89 -16.62 8.19
CA GLU B 96 14.77 -16.03 9.49
C GLU B 96 14.66 -14.46 9.41
N MET B 97 13.91 -13.83 10.32
CA MET B 97 13.72 -12.35 10.35
C MET B 97 14.44 -11.40 11.35
N ASP B 98 14.85 -10.27 10.84
CA ASP B 98 15.56 -9.32 11.69
C ASP B 98 14.49 -8.55 12.48
N GLN B 99 14.84 -7.92 13.60
CA GLN B 99 13.90 -6.86 14.09
C GLN B 99 14.73 -5.73 14.70
N TYR B 100 15.44 -5.04 13.78
CA TYR B 100 16.15 -3.81 14.09
C TYR B 100 14.87 -2.99 13.67
N GLN B 101 14.56 -1.84 14.31
CA GLN B 101 13.47 -0.90 14.07
C GLN B 101 14.16 0.03 13.06
N GLU B 102 13.50 0.34 11.94
CA GLU B 102 14.12 1.11 10.87
C GLU B 102 13.60 2.51 10.86
N GLY B 103 14.48 3.43 10.44
CA GLY B 103 14.00 4.80 10.27
C GLY B 103 14.35 5.09 8.80
N CYS B 104 14.21 6.36 8.32
CA CYS B 104 14.54 6.58 6.95
C CYS B 104 14.69 8.09 6.90
N LEU B 105 15.70 8.60 6.18
CA LEU B 105 15.82 10.05 6.11
C LEU B 105 14.62 10.71 5.35
N SER B 106 13.96 9.91 4.51
CA SER B 106 12.76 10.38 3.72
C SER B 106 11.43 10.18 4.54
N VAL B 107 11.47 9.65 5.72
CA VAL B 107 10.28 9.48 6.63
C VAL B 107 10.80 9.88 8.01
N PRO B 108 11.28 11.16 8.16
CA PRO B 108 11.91 11.60 9.42
C PRO B 108 11.08 11.50 10.62
N GLY B 109 11.66 11.09 11.73
CA GLY B 109 10.93 10.95 12.98
C GLY B 109 10.17 9.67 13.20
N PHE B 110 10.11 8.75 12.19
CA PHE B 110 9.36 7.48 12.34
C PHE B 110 10.25 6.30 12.33
N TYR B 111 10.09 5.38 13.30
CA TYR B 111 10.94 4.17 13.42
C TYR B 111 9.93 3.02 13.58
N GLU B 112 10.01 2.02 12.73
CA GLU B 112 8.98 0.97 12.82
C GLU B 112 9.67 -0.23 12.49
N ASN B 113 9.26 -1.33 13.14
CA ASN B 113 9.99 -2.56 12.85
C ASN B 113 9.41 -3.18 11.56
N VAL B 114 10.30 -3.62 10.74
CA VAL B 114 9.89 -4.15 9.55
C VAL B 114 10.61 -5.43 9.74
N ASP B 115 10.13 -6.47 9.14
CA ASP B 115 10.81 -7.79 9.47
C ASP B 115 11.44 -8.10 8.14
N ARG B 116 12.75 -8.19 8.07
CA ARG B 116 13.23 -8.58 6.70
C ARG B 116 14.16 -9.77 7.03
N PRO B 117 14.61 -10.46 5.98
CA PRO B 117 15.55 -11.61 6.13
C PRO B 117 16.84 -11.04 6.82
N GLN B 118 17.34 -11.73 7.82
CA GLN B 118 18.44 -11.24 8.62
C GLN B 118 19.81 -11.47 7.95
N LYS B 119 19.82 -12.21 6.88
CA LYS B 119 21.09 -12.36 6.21
C LYS B 119 20.86 -12.36 4.67
N VAL B 120 21.69 -11.71 3.91
CA VAL B 120 21.46 -11.67 2.48
C VAL B 120 22.77 -11.65 1.81
N ARG B 121 22.73 -11.95 0.53
CA ARG B 121 23.97 -11.84 -0.20
C ARG B 121 23.76 -10.63 -1.16
N ILE B 122 24.72 -9.72 -1.19
CA ILE B 122 24.67 -8.54 -1.98
C ILE B 122 25.54 -8.70 -3.19
N LYS B 123 25.11 -8.16 -4.35
CA LYS B 123 26.01 -8.08 -5.42
C LYS B 123 25.97 -6.62 -5.82
N ALA B 124 27.16 -6.02 -6.02
CA ALA B 124 27.13 -4.61 -6.43
C ALA B 124 28.51 -4.21 -7.00
N LEU B 125 28.58 -2.97 -7.49
CA LEU B 125 29.88 -2.37 -7.87
C LEU B 125 30.39 -1.54 -6.73
N ASP B 126 31.71 -1.52 -6.48
CA ASP B 126 32.19 -0.67 -5.38
C ASP B 126 32.55 0.82 -5.74
N ARG B 127 33.14 1.56 -4.77
CA ARG B 127 33.49 3.03 -4.98
C ARG B 127 34.30 3.34 -6.17
N ASP B 128 35.00 2.31 -6.68
CA ASP B 128 35.91 2.35 -7.84
C ASP B 128 35.29 1.68 -9.02
N GLY B 129 34.07 1.23 -8.92
CA GLY B 129 33.55 0.51 -10.10
C GLY B 129 33.69 -0.95 -10.21
N ASN B 130 34.30 -1.64 -9.22
CA ASN B 130 34.51 -3.10 -9.46
C ASN B 130 33.39 -4.00 -8.76
N PRO B 131 32.99 -5.11 -9.39
CA PRO B 131 31.95 -6.01 -8.88
C PRO B 131 32.40 -6.74 -7.67
N PHE B 132 31.47 -6.94 -6.73
CA PHE B 132 31.90 -7.76 -5.62
C PHE B 132 30.58 -8.37 -5.16
N GLU B 133 30.70 -9.40 -4.33
CA GLU B 133 29.55 -10.05 -3.71
C GLU B 133 29.88 -10.10 -2.27
N GLU B 134 28.88 -9.84 -1.48
CA GLU B 134 29.15 -9.80 -0.01
C GLU B 134 28.04 -10.60 0.71
N VAL B 135 28.41 -11.24 1.80
CA VAL B 135 27.41 -11.85 2.59
C VAL B 135 27.18 -10.86 3.67
N ALA B 136 25.93 -10.47 3.90
CA ALA B 136 25.72 -9.49 4.94
C ALA B 136 24.76 -10.00 5.96
N GLU B 137 25.03 -9.55 7.19
CA GLU B 137 24.09 -9.90 8.34
C GLU B 137 23.91 -8.69 9.18
N GLY B 138 22.99 -8.78 10.15
CA GLY B 138 22.98 -7.70 11.04
C GLY B 138 22.46 -6.43 10.40
N LEU B 139 22.98 -5.31 10.92
CA LEU B 139 22.37 -4.05 10.46
C LEU B 139 22.64 -3.82 8.99
N LEU B 140 23.83 -4.28 8.53
CA LEU B 140 24.16 -4.07 7.08
C LEU B 140 23.04 -4.80 6.23
N ALA B 141 22.68 -6.01 6.68
CA ALA B 141 21.67 -6.69 5.88
C ALA B 141 20.37 -5.90 5.83
N VAL B 142 20.01 -5.29 6.95
CA VAL B 142 18.73 -4.52 6.90
C VAL B 142 18.91 -3.27 6.06
N CYS B 143 20.06 -2.56 6.29
CA CYS B 143 20.22 -1.37 5.53
C CYS B 143 20.29 -1.60 4.05
N ILE B 144 21.03 -2.61 3.63
CA ILE B 144 21.11 -2.74 2.14
C ILE B 144 19.73 -3.04 1.52
N GLN B 145 18.87 -3.74 2.29
CA GLN B 145 17.57 -4.11 1.74
C GLN B 145 16.73 -2.77 1.66
N HIS B 146 16.83 -2.07 2.76
CA HIS B 146 16.08 -0.83 2.85
C HIS B 146 16.52 0.08 1.63
N GLU B 147 17.85 0.21 1.46
CA GLU B 147 18.33 1.12 0.42
C GLU B 147 18.07 0.63 -1.00
N CYS B 148 18.23 -0.67 -1.26
CA CYS B 148 17.81 -1.21 -2.55
C CYS B 148 16.32 -0.97 -2.74
N ASP B 149 15.50 -1.13 -1.71
CA ASP B 149 14.11 -0.78 -1.87
C ASP B 149 13.92 0.66 -2.42
N HIS B 150 14.68 1.60 -1.91
CA HIS B 150 14.50 2.98 -2.41
C HIS B 150 14.76 3.03 -3.85
N LEU B 151 15.79 2.30 -4.34
CA LEU B 151 16.09 2.40 -5.76
C LEU B 151 14.90 1.78 -6.66
N ASN B 152 14.05 0.95 -6.06
CA ASN B 152 12.91 0.35 -6.74
C ASN B 152 11.63 1.08 -6.34
N GLY B 153 11.76 2.29 -5.82
CA GLY B 153 10.56 3.09 -5.52
C GLY B 153 9.82 2.68 -4.30
N LYS B 154 10.42 1.92 -3.41
CA LYS B 154 9.69 1.41 -2.26
C LYS B 154 10.23 2.09 -0.99
N LEU B 155 9.31 2.25 0.00
CA LEU B 155 9.64 2.86 1.21
C LEU B 155 9.36 1.92 2.33
N PHE B 156 9.98 2.10 3.51
CA PHE B 156 9.65 1.10 4.54
C PHE B 156 8.18 1.16 5.02
N VAL B 157 7.59 2.33 4.82
CA VAL B 157 6.18 2.45 5.30
C VAL B 157 5.30 1.57 4.44
N ASP B 158 5.81 1.16 3.26
CA ASP B 158 5.00 0.26 2.42
C ASP B 158 4.76 -1.09 3.05
N TYR B 159 5.50 -1.47 4.06
CA TYR B 159 5.34 -2.82 4.74
C TYR B 159 4.41 -2.69 5.98
N LEU B 160 4.03 -1.48 6.31
CA LEU B 160 3.22 -1.24 7.52
C LEU B 160 1.72 -1.34 7.14
N SER B 161 0.90 -1.30 8.18
CA SER B 161 -0.56 -1.41 7.89
C SER B 161 -0.96 -0.14 7.12
N THR B 162 -2.06 -0.23 6.43
CA THR B 162 -2.57 0.94 5.73
C THR B 162 -2.83 2.12 6.60
N LEU B 163 -3.45 1.86 7.73
CA LEU B 163 -3.79 3.02 8.56
C LEU B 163 -2.56 3.57 9.23
N LYS B 164 -1.56 2.77 9.47
CA LYS B 164 -0.35 3.31 10.10
C LYS B 164 0.37 4.18 9.06
N ARG B 165 0.50 3.62 7.83
CA ARG B 165 1.21 4.39 6.81
C ARG B 165 0.46 5.68 6.54
N ASP B 166 -0.86 5.62 6.60
CA ASP B 166 -1.56 6.89 6.21
C ASP B 166 -1.48 7.92 7.38
N ARG B 167 -1.36 7.42 8.56
CA ARG B 167 -1.18 8.34 9.68
C ARG B 167 0.21 9.06 9.58
N ILE B 168 1.22 8.28 9.20
CA ILE B 168 2.58 8.86 9.07
C ILE B 168 2.49 9.85 7.89
N ARG B 169 1.76 9.53 6.82
CA ARG B 169 1.70 10.40 5.71
C ARG B 169 1.10 11.75 6.18
N LYS B 170 0.05 11.64 6.95
CA LYS B 170 -0.71 12.89 7.32
C LYS B 170 0.14 13.70 8.22
N LYS B 171 0.84 12.98 9.11
CA LYS B 171 1.71 13.73 9.95
C LYS B 171 2.78 14.41 9.16
N LEU B 172 3.47 13.72 8.19
CA LEU B 172 4.52 14.41 7.42
C LEU B 172 3.83 15.51 6.57
N GLU B 173 2.59 15.31 6.17
CA GLU B 173 2.01 16.39 5.27
C GLU B 173 1.81 17.68 6.03
N LYS B 174 1.46 17.54 7.30
CA LYS B 174 1.26 18.67 8.17
C LYS B 174 2.62 19.33 8.47
N GLN B 175 3.68 18.57 8.52
CA GLN B 175 4.99 19.19 8.79
C GLN B 175 5.37 19.90 7.58
N HIS B 176 5.08 19.29 6.44
CA HIS B 176 5.48 19.96 5.22
C HIS B 176 4.85 21.35 5.13
N ARG B 177 3.71 21.54 5.79
CA ARG B 177 3.19 22.90 5.71
C ARG B 177 3.55 23.66 7.03
#